data_5KH5
#
_entry.id   5KH5
#
_cell.length_a   59.451
_cell.length_b   117.911
_cell.length_c   179.693
_cell.angle_alpha   90.00
_cell.angle_beta   90.00
_cell.angle_gamma   90.00
#
_symmetry.space_group_name_H-M   'I 21 21 21'
#
loop_
_entity.id
_entity.type
_entity.pdbx_description
1 polymer 'Isoprenyl transferase'
2 non-polymer ~{N}-(3-azanyl-3-oxidanylidene-propyl)-5-(1-benzothiophen-5-yl)-1-(phenylmethyl)-~{N}-[(4-propan-2-yloxyphenyl)methyl]pyrazole-4-carboxamide
3 water water
#
_entity_poly.entity_id   1
_entity_poly.type   'polypeptide(L)'
_entity_poly.pdbx_seq_one_letter_code
;MGSSHHHHHHSSGLVPRGSHMFGFFKKDKAVEVEVPTQVPAHIGIIMDGNGRWAKKRMQPRVFGHKAGMEALQTVTKAAN
KLGVKVITVYAFSTENWTRPDQEVKFIMNLPVEFYDNYVPELHANNVKIQMIGETDRLPKQTFEALTKAEELTKNNTGLI
LNFALNYGGRAEITQALKLISQDVLDAKINPGDITEELIGNYLFTQHLPKDLRDPDLIIRTSGELRLSNFLPWQGAYSEL
YFTDTLWPDFDEAALQEAILAYNRRHRRFGGV
;
_entity_poly.pdbx_strand_id   A,B
#
loop_
_chem_comp.id
_chem_comp.type
_chem_comp.name
_chem_comp.formula
6TC non-polymer ~{N}-(3-azanyl-3-oxidanylidene-propyl)-5-(1-benzothiophen-5-yl)-1-(phenylmethyl)-~{N}-[(4-propan-2-yloxyphenyl)methyl]pyrazole-4-carboxamide 'C32 H32 N4 O3 S'
#
# COMPACT_ATOMS: atom_id res chain seq x y z
N THR A 37 16.41 16.13 10.54
CA THR A 37 16.76 16.20 11.98
C THR A 37 15.91 15.21 12.79
N GLN A 38 16.01 13.93 12.42
CA GLN A 38 15.32 12.83 13.12
C GLN A 38 13.82 13.09 13.25
N VAL A 39 13.21 13.61 12.19
CA VAL A 39 11.77 13.86 12.16
C VAL A 39 11.24 13.58 10.76
N PRO A 40 10.19 12.74 10.64
CA PRO A 40 9.63 12.46 9.32
C PRO A 40 8.89 13.68 8.77
N ALA A 41 9.26 14.09 7.55
CA ALA A 41 8.70 15.30 6.94
C ALA A 41 7.20 15.21 6.71
N HIS A 42 6.74 14.03 6.32
CA HIS A 42 5.32 13.81 5.99
C HIS A 42 4.82 12.53 6.68
N ILE A 43 3.84 12.71 7.56
CA ILE A 43 3.21 11.59 8.27
C ILE A 43 1.75 11.41 7.82
N GLY A 44 1.43 10.20 7.35
CA GLY A 44 0.03 9.81 7.11
C GLY A 44 -0.56 9.23 8.37
N ILE A 45 -1.82 9.56 8.66
CA ILE A 45 -2.50 9.05 9.85
C ILE A 45 -3.92 8.59 9.55
N ILE A 46 -4.16 7.29 9.76
CA ILE A 46 -5.49 6.75 9.62
C ILE A 46 -6.15 6.79 10.99
N MET A 47 -7.08 7.72 11.15
CA MET A 47 -7.73 7.99 12.44
C MET A 47 -8.89 7.03 12.66
N ASP A 48 -8.60 5.87 13.25
CA ASP A 48 -9.58 4.82 13.49
C ASP A 48 -9.84 4.68 14.98
N GLY A 49 -11.06 4.28 15.34
CA GLY A 49 -11.39 3.90 16.71
C GLY A 49 -12.28 4.84 17.48
N ASN A 50 -12.72 5.93 16.85
CA ASN A 50 -13.62 6.88 17.51
C ASN A 50 -14.87 6.20 18.05
N GLY A 51 -15.48 5.34 17.23
CA GLY A 51 -16.69 4.61 17.63
C GLY A 51 -16.47 3.69 18.82
N ARG A 52 -15.39 2.93 18.78
CA ARG A 52 -15.04 2.01 19.87
C ARG A 52 -14.75 2.78 21.15
N TRP A 53 -13.98 3.87 21.01
CA TRP A 53 -13.65 4.75 22.15
C TRP A 53 -14.91 5.27 22.85
N ALA A 54 -15.91 5.65 22.06
CA ALA A 54 -17.18 6.17 22.61
C ALA A 54 -17.98 5.08 23.32
N LYS A 55 -17.99 3.88 22.76
CA LYS A 55 -18.72 2.75 23.34
C LYS A 55 -18.13 2.31 24.69
N LYS A 56 -16.82 2.46 24.85
CA LYS A 56 -16.15 2.15 26.12
C LYS A 56 -16.59 3.07 27.26
N ARG A 57 -16.98 4.30 26.92
CA ARG A 57 -17.39 5.30 27.90
C ARG A 57 -18.90 5.31 28.16
N MET A 58 -19.62 4.35 27.58
CA MET A 58 -21.09 4.30 27.65
C MET A 58 -21.72 5.56 27.03
N GLN A 59 -21.06 6.11 26.01
CA GLN A 59 -21.49 7.35 25.35
C GLN A 59 -21.79 7.07 23.87
N PRO A 60 -22.62 7.93 23.24
CA PRO A 60 -22.97 7.71 21.83
C PRO A 60 -21.79 7.91 20.87
N ARG A 61 -21.94 7.43 19.64
CA ARG A 61 -20.87 7.47 18.65
C ARG A 61 -20.41 8.88 18.28
N VAL A 62 -21.32 9.85 18.42
CA VAL A 62 -21.00 11.26 18.16
C VAL A 62 -20.00 11.79 19.17
N PHE A 63 -20.15 11.39 20.43
CA PHE A 63 -19.22 11.79 21.49
C PHE A 63 -17.80 11.35 21.17
N GLY A 64 -17.67 10.15 20.59
CA GLY A 64 -16.37 9.63 20.19
C GLY A 64 -15.68 10.46 19.13
N HIS A 65 -16.45 10.93 18.16
CA HIS A 65 -15.90 11.73 17.05
C HIS A 65 -15.42 13.11 17.50
N LYS A 66 -16.14 13.73 18.44
CA LYS A 66 -15.73 15.04 18.96
C LYS A 66 -14.39 14.95 19.71
N ALA A 67 -14.18 13.86 20.42
CA ALA A 67 -12.89 13.59 21.06
C ALA A 67 -11.80 13.36 20.00
N GLY A 68 -12.17 12.76 18.88
CA GLY A 68 -11.26 12.55 17.76
C GLY A 68 -10.73 13.84 17.17
N MET A 69 -11.58 14.86 17.13
CA MET A 69 -11.19 16.20 16.68
C MET A 69 -10.21 16.84 17.66
N GLU A 70 -10.46 16.62 18.96
CA GLU A 70 -9.53 17.04 20.01
C GLU A 70 -8.18 16.36 19.85
N ALA A 71 -8.21 15.06 19.60
CA ALA A 71 -7.00 14.28 19.34
C ALA A 71 -6.22 14.90 18.18
N LEU A 72 -6.93 15.15 17.07
CA LEU A 72 -6.32 15.75 15.88
C LEU A 72 -5.70 17.10 16.17
N GLN A 73 -6.40 17.92 16.95
CA GLN A 73 -5.91 19.25 17.32
C GLN A 73 -4.61 19.14 18.09
N THR A 74 -4.55 18.22 19.04
CA THR A 74 -3.35 17.99 19.83
C THR A 74 -2.20 17.48 18.95
N VAL A 75 -2.51 16.52 18.08
CA VAL A 75 -1.50 15.95 17.19
C VAL A 75 -1.00 16.97 16.19
N THR A 76 -1.92 17.71 15.58
CA THR A 76 -1.56 18.77 14.63
C THR A 76 -0.62 19.78 15.27
N LYS A 77 -0.99 20.27 16.45
CA LYS A 77 -0.17 21.21 17.22
C LYS A 77 1.20 20.61 17.51
N ALA A 78 1.20 19.44 18.16
CA ALA A 78 2.44 18.76 18.55
C ALA A 78 3.38 18.51 17.38
N ALA A 79 2.83 18.05 16.26
CA ALA A 79 3.61 17.79 15.06
C ALA A 79 4.20 19.08 14.48
N ASN A 80 3.47 20.19 14.60
CA ASN A 80 3.94 21.47 14.07
C ASN A 80 5.24 21.94 14.73
N LYS A 81 5.27 21.89 16.05
CA LYS A 81 6.45 22.32 16.81
C LYS A 81 7.60 21.32 16.75
N LEU A 82 7.29 20.05 16.50
CA LEU A 82 8.33 19.01 16.43
C LEU A 82 9.16 19.08 15.15
N GLY A 83 8.61 19.70 14.10
CA GLY A 83 9.31 19.91 12.84
C GLY A 83 8.71 19.22 11.63
N VAL A 84 7.57 18.54 11.82
CA VAL A 84 6.89 17.85 10.72
C VAL A 84 6.35 18.89 9.75
N LYS A 85 6.55 18.64 8.45
CA LYS A 85 6.17 19.57 7.40
C LYS A 85 4.74 19.33 6.91
N VAL A 86 4.35 18.06 6.77
CA VAL A 86 3.01 17.70 6.31
C VAL A 86 2.43 16.56 7.12
N ILE A 87 1.12 16.60 7.39
CA ILE A 87 0.38 15.42 7.81
C ILE A 87 -0.89 15.30 6.95
N THR A 88 -1.12 14.08 6.46
CA THR A 88 -2.35 13.76 5.74
C THR A 88 -3.16 12.85 6.66
N VAL A 89 -4.34 13.33 7.08
CA VAL A 89 -5.17 12.57 8.02
C VAL A 89 -6.40 12.02 7.32
N TYR A 90 -6.89 10.88 7.81
CA TYR A 90 -7.91 10.11 7.13
C TYR A 90 -8.92 9.54 8.12
N ALA A 91 -10.15 10.06 8.06
CA ALA A 91 -11.23 9.57 8.91
C ALA A 91 -11.83 8.30 8.33
N PHE A 92 -11.29 7.14 8.73
CA PHE A 92 -11.80 5.85 8.24
C PHE A 92 -12.07 4.88 9.38
N SER A 93 -13.12 4.07 9.20
CA SER A 93 -13.50 3.04 10.17
C SER A 93 -14.40 1.99 9.51
N THR A 94 -14.40 0.78 10.07
CA THR A 94 -15.24 -0.31 9.58
C THR A 94 -16.15 -0.88 10.68
N GLU A 95 -16.42 -0.07 11.71
CA GLU A 95 -17.25 -0.48 12.84
C GLU A 95 -18.70 0.02 12.68
N ASN A 96 -19.26 -0.19 11.49
CA ASN A 96 -20.62 0.26 11.17
C ASN A 96 -21.61 -0.90 11.32
N ARG A 99 -24.00 0.11 8.50
CA ARG A 99 -24.60 1.45 8.53
C ARG A 99 -23.66 2.51 7.95
N PRO A 100 -23.39 2.42 6.63
CA PRO A 100 -22.49 3.40 5.98
C PRO A 100 -23.06 4.81 5.97
N ASP A 101 -24.38 4.93 5.77
CA ASP A 101 -25.02 6.23 5.74
C ASP A 101 -24.66 7.03 6.98
N GLN A 102 -24.55 6.34 8.11
CA GLN A 102 -24.26 6.98 9.38
C GLN A 102 -22.84 7.53 9.40
N GLU A 103 -21.87 6.70 9.03
CA GLU A 103 -20.47 7.10 9.01
C GLU A 103 -20.22 8.10 7.89
N VAL A 104 -20.84 7.86 6.73
CA VAL A 104 -20.75 8.79 5.61
C VAL A 104 -21.63 9.99 5.90
N LYS A 105 -21.91 10.20 7.18
CA LYS A 105 -22.78 11.28 7.62
C LYS A 105 -22.01 12.23 8.53
N PHE A 106 -21.27 11.64 9.47
CA PHE A 106 -20.52 12.44 10.44
C PHE A 106 -19.09 12.65 9.99
N ILE A 107 -18.75 12.08 8.83
CA ILE A 107 -17.47 12.35 8.20
C ILE A 107 -17.52 13.66 7.44
N MET A 108 -18.57 13.82 6.63
CA MET A 108 -18.74 15.05 5.87
C MET A 108 -19.10 16.18 6.81
N ASN A 109 -19.53 15.83 8.01
CA ASN A 109 -19.89 16.82 9.03
C ASN A 109 -18.67 17.34 9.79
N LEU A 110 -17.52 16.74 9.53
CA LEU A 110 -16.31 17.06 10.27
C LEU A 110 -15.83 18.50 10.01
N PRO A 111 -15.61 18.84 8.73
CA PRO A 111 -15.11 20.17 8.38
C PRO A 111 -15.93 21.29 9.00
N VAL A 112 -17.24 21.14 8.99
CA VAL A 112 -18.12 22.16 9.56
C VAL A 112 -17.73 22.42 11.02
N GLU A 113 -17.88 21.39 11.84
CA GLU A 113 -17.56 21.51 13.25
C GLU A 113 -16.12 21.94 13.50
N PHE A 114 -15.21 21.44 12.67
CA PHE A 114 -13.78 21.70 12.85
C PHE A 114 -13.41 23.15 12.54
N TYR A 115 -14.12 23.78 11.59
CA TYR A 115 -13.88 25.19 11.27
C TYR A 115 -14.27 26.10 12.43
N ASP A 116 -15.38 25.77 13.09
CA ASP A 116 -15.91 26.61 14.16
C ASP A 116 -15.04 26.60 15.41
N ASN A 117 -14.70 25.39 15.87
CA ASN A 117 -14.11 25.21 17.20
C ASN A 117 -12.59 24.99 17.23
N TYR A 118 -11.99 24.60 16.11
CA TYR A 118 -10.58 24.19 16.10
C TYR A 118 -9.66 24.95 15.14
N VAL A 119 -10.18 25.35 13.98
CA VAL A 119 -9.35 26.00 12.95
C VAL A 119 -8.72 27.33 13.38
N PRO A 120 -9.48 28.20 14.06
CA PRO A 120 -8.91 29.45 14.57
C PRO A 120 -7.59 29.28 15.33
N GLU A 121 -7.51 28.28 16.18
CA GLU A 121 -6.28 28.02 16.96
C GLU A 121 -5.18 27.53 16.05
N LEU A 122 -5.52 26.70 15.08
CA LEU A 122 -4.54 26.19 14.12
C LEU A 122 -4.02 27.29 13.18
N HIS A 123 -4.86 28.29 12.91
CA HIS A 123 -4.40 29.49 12.20
C HIS A 123 -3.41 30.28 13.07
N ALA A 124 -3.69 30.36 14.36
CA ALA A 124 -2.80 31.03 15.31
C ALA A 124 -1.45 30.33 15.44
N ASN A 125 -1.44 29.01 15.25
CA ASN A 125 -0.22 28.21 15.31
C ASN A 125 0.52 28.12 13.97
N ASN A 126 0.09 28.90 12.97
CA ASN A 126 0.75 28.98 11.67
C ASN A 126 0.61 27.71 10.81
N VAL A 127 -0.51 26.99 11.01
CA VAL A 127 -0.76 25.78 10.26
C VAL A 127 -1.61 26.06 9.01
N LYS A 128 -1.19 25.46 7.90
CA LYS A 128 -1.89 25.59 6.63
C LYS A 128 -2.81 24.38 6.44
N ILE A 129 -4.09 24.63 6.16
CA ILE A 129 -5.06 23.55 5.97
C ILE A 129 -5.39 23.35 4.49
N GLN A 130 -5.31 22.10 4.04
CA GLN A 130 -5.76 21.72 2.70
C GLN A 130 -6.51 20.38 2.76
N MET A 131 -7.34 20.10 1.76
CA MET A 131 -8.03 18.81 1.68
C MET A 131 -7.66 18.07 0.40
N ILE A 132 -7.68 16.74 0.48
CA ILE A 132 -7.64 15.89 -0.70
C ILE A 132 -8.87 14.99 -0.72
N GLY A 133 -9.38 14.71 -1.91
CA GLY A 133 -10.60 13.92 -2.08
C GLY A 133 -11.49 14.53 -3.15
N GLU A 134 -12.69 13.98 -3.29
CA GLU A 134 -13.61 14.40 -4.36
C GLU A 134 -14.63 15.42 -3.87
N THR A 135 -14.79 16.49 -4.64
CA THR A 135 -15.58 17.65 -4.25
C THR A 135 -17.05 17.56 -4.67
N ASP A 136 -17.30 17.03 -5.87
CA ASP A 136 -18.65 16.94 -6.46
C ASP A 136 -19.74 16.63 -5.43
N ARG A 137 -19.69 15.43 -4.86
CA ARG A 137 -20.71 15.00 -3.89
C ARG A 137 -20.36 15.46 -2.47
N LEU A 138 -20.44 16.77 -2.25
CA LEU A 138 -20.25 17.36 -0.93
C LEU A 138 -21.48 18.20 -0.59
N PRO A 139 -21.93 18.17 0.68
CA PRO A 139 -22.95 19.13 1.10
C PRO A 139 -22.42 20.56 1.01
N LYS A 140 -23.28 21.49 0.61
CA LYS A 140 -22.88 22.90 0.47
C LYS A 140 -22.16 23.42 1.71
N GLN A 141 -22.76 23.18 2.88
CA GLN A 141 -22.26 23.72 4.15
C GLN A 141 -20.87 23.19 4.49
N THR A 142 -20.56 21.99 4.04
CA THR A 142 -19.27 21.37 4.33
C THR A 142 -18.22 21.79 3.30
N PHE A 143 -18.67 22.11 2.08
CA PHE A 143 -17.80 22.69 1.07
C PHE A 143 -17.45 24.15 1.41
N GLU A 144 -18.38 24.84 2.06
CA GLU A 144 -18.15 26.21 2.54
C GLU A 144 -17.12 26.22 3.66
N ALA A 145 -17.25 25.31 4.62
CA ALA A 145 -16.33 25.23 5.75
C ALA A 145 -14.92 24.82 5.33
N LEU A 146 -14.80 23.99 4.30
CA LEU A 146 -13.50 23.56 3.80
C LEU A 146 -12.78 24.67 3.06
N THR A 147 -13.50 25.35 2.16
CA THR A 147 -12.91 26.44 1.38
C THR A 147 -12.54 27.61 2.29
N LYS A 148 -13.39 27.89 3.27
CA LYS A 148 -13.09 28.94 4.26
C LYS A 148 -11.89 28.55 5.14
N ALA A 149 -11.75 27.27 5.45
CA ALA A 149 -10.59 26.78 6.21
C ALA A 149 -9.30 26.93 5.41
N GLU A 150 -9.37 26.61 4.11
CA GLU A 150 -8.23 26.80 3.21
C GLU A 150 -7.88 28.27 3.04
N GLU A 151 -8.88 29.08 2.70
CA GLU A 151 -8.68 30.51 2.41
C GLU A 151 -8.19 31.32 3.62
N LEU A 152 -8.52 30.85 4.82
CA LEU A 152 -8.03 31.46 6.05
C LEU A 152 -6.54 31.23 6.25
N THR A 153 -6.05 30.08 5.79
CA THR A 153 -4.73 29.60 6.15
C THR A 153 -3.75 29.51 4.97
N LYS A 154 -4.13 30.05 3.82
CA LYS A 154 -3.36 29.81 2.59
C LYS A 154 -1.97 30.45 2.55
N ASN A 155 -1.77 31.50 3.33
CA ASN A 155 -0.47 32.17 3.41
C ASN A 155 0.42 31.61 4.51
N ASN A 156 -0.09 30.63 5.27
CA ASN A 156 0.63 30.11 6.43
C ASN A 156 1.80 29.21 6.01
N THR A 157 2.91 29.34 6.75
CA THR A 157 4.18 28.74 6.36
C THR A 157 4.63 27.61 7.28
N GLY A 158 3.76 27.19 8.20
CA GLY A 158 4.09 26.07 9.08
C GLY A 158 3.58 24.76 8.51
N LEU A 159 3.37 23.80 9.42
CA LEU A 159 2.86 22.47 9.07
C LEU A 159 1.65 22.58 8.15
N ILE A 160 1.57 21.67 7.19
CA ILE A 160 0.44 21.58 6.28
C ILE A 160 -0.43 20.42 6.73
N LEU A 161 -1.59 20.73 7.31
CA LEU A 161 -2.56 19.70 7.70
C LEU A 161 -3.45 19.37 6.52
N ASN A 162 -3.30 18.15 6.02
CA ASN A 162 -3.97 17.71 4.80
C ASN A 162 -5.12 16.76 5.12
N PHE A 163 -6.35 17.21 4.88
CA PHE A 163 -7.57 16.43 5.18
C PHE A 163 -7.96 15.53 4.02
N ALA A 164 -7.88 14.23 4.23
CA ALA A 164 -8.36 13.27 3.25
C ALA A 164 -9.83 12.99 3.52
N LEU A 165 -10.71 13.73 2.85
CA LEU A 165 -12.16 13.59 3.02
C LEU A 165 -12.82 13.15 1.71
N ASN A 166 -13.74 12.19 1.82
CA ASN A 166 -14.37 11.61 0.64
C ASN A 166 -13.25 11.21 -0.32
N TYR A 167 -12.29 10.46 0.21
CA TYR A 167 -11.07 10.10 -0.50
C TYR A 167 -10.92 8.59 -0.59
N GLY A 168 -10.60 8.13 -1.80
CA GLY A 168 -10.23 6.74 -2.03
C GLY A 168 -9.05 6.70 -2.98
N GLY A 169 -8.01 5.97 -2.60
CA GLY A 169 -6.77 5.87 -3.35
C GLY A 169 -6.91 5.42 -4.78
N ARG A 170 -7.70 4.37 -5.00
CA ARG A 170 -7.95 3.88 -6.35
C ARG A 170 -8.74 4.89 -7.15
N ALA A 171 -9.60 5.65 -6.46
CA ALA A 171 -10.39 6.69 -7.11
C ALA A 171 -9.47 7.81 -7.55
N GLU A 172 -8.57 8.20 -6.64
CA GLU A 172 -7.56 9.22 -6.92
C GLU A 172 -6.77 8.92 -8.19
N ILE A 173 -6.33 7.67 -8.33
CA ILE A 173 -5.52 7.25 -9.46
C ILE A 173 -6.36 7.24 -10.74
N THR A 174 -7.55 6.65 -10.66
CA THR A 174 -8.52 6.64 -11.76
C THR A 174 -8.84 8.07 -12.20
N GLN A 175 -9.05 8.95 -11.22
CA GLN A 175 -9.34 10.35 -11.48
C GLN A 175 -8.16 10.99 -12.23
N ALA A 176 -6.94 10.67 -11.78
CA ALA A 176 -5.73 11.11 -12.46
C ALA A 176 -5.61 10.52 -13.87
N LEU A 177 -6.10 9.29 -14.07
CA LEU A 177 -6.05 8.65 -15.39
C LEU A 177 -6.96 9.32 -16.41
N LYS A 178 -8.12 9.78 -15.95
CA LYS A 178 -9.03 10.54 -16.81
C LYS A 178 -8.32 11.78 -17.35
N LEU A 179 -7.73 12.54 -16.44
CA LEU A 179 -7.02 13.77 -16.80
C LEU A 179 -5.91 13.51 -17.80
N ILE A 180 -5.09 12.49 -17.53
CA ILE A 180 -3.95 12.17 -18.41
C ILE A 180 -4.41 11.74 -19.80
N SER A 181 -5.41 10.86 -19.83
CA SER A 181 -5.95 10.33 -21.08
C SER A 181 -6.49 11.42 -22.01
N GLN A 182 -7.20 12.39 -21.44
CA GLN A 182 -7.77 13.49 -22.21
C GLN A 182 -6.69 14.41 -22.78
N ASP A 183 -5.58 14.54 -22.06
CA ASP A 183 -4.44 15.33 -22.52
C ASP A 183 -3.68 14.62 -23.65
N VAL A 184 -3.76 13.29 -23.68
CA VAL A 184 -3.17 12.50 -24.76
C VAL A 184 -3.96 12.69 -26.07
N LEU A 185 -5.28 12.84 -25.95
CA LEU A 185 -6.14 13.15 -27.08
C LEU A 185 -5.98 14.61 -27.50
N ASP A 186 -5.85 15.51 -26.51
CA ASP A 186 -5.57 16.92 -26.78
C ASP A 186 -4.14 17.15 -27.31
N ALA A 187 -3.32 16.10 -27.31
CA ALA A 187 -1.95 16.14 -27.83
C ALA A 187 -0.98 16.89 -26.90
N LYS A 188 -1.40 17.20 -25.68
CA LYS A 188 -0.56 17.92 -24.72
C LYS A 188 0.63 17.06 -24.28
N ILE A 189 0.42 15.76 -24.19
CA ILE A 189 1.52 14.82 -23.96
C ILE A 189 1.36 13.57 -24.82
N ASN A 190 2.45 12.84 -24.98
CA ASN A 190 2.49 11.58 -25.72
C ASN A 190 2.27 10.41 -24.73
N PRO A 191 1.73 9.28 -25.21
CA PRO A 191 1.70 8.06 -24.40
C PRO A 191 3.07 7.65 -23.83
N GLY A 192 4.15 7.98 -24.54
CA GLY A 192 5.51 7.78 -24.03
C GLY A 192 5.90 8.71 -22.89
N ASP A 193 5.30 9.90 -22.86
CA ASP A 193 5.59 10.89 -21.82
C ASP A 193 5.00 10.53 -20.45
N ILE A 194 4.05 9.58 -20.41
CA ILE A 194 3.45 9.13 -19.15
C ILE A 194 4.45 8.32 -18.35
N THR A 195 4.85 8.85 -17.19
CA THR A 195 5.86 8.24 -16.34
C THR A 195 5.43 8.35 -14.88
N GLU A 196 6.15 7.67 -13.98
CA GLU A 196 5.84 7.73 -12.54
C GLU A 196 5.84 9.19 -12.04
N GLU A 197 6.81 9.97 -12.51
CA GLU A 197 6.96 11.36 -12.12
C GLU A 197 5.76 12.20 -12.57
N LEU A 198 5.33 11.99 -13.81
CA LEU A 198 4.18 12.71 -14.37
C LEU A 198 2.91 12.41 -13.58
N ILE A 199 2.65 11.11 -13.34
CA ILE A 199 1.45 10.68 -12.62
C ILE A 199 1.32 11.34 -11.24
N GLY A 200 2.46 11.54 -10.56
CA GLY A 200 2.50 12.26 -9.30
C GLY A 200 1.88 13.65 -9.38
N ASN A 201 2.14 14.36 -10.48
CA ASN A 201 1.58 15.70 -10.69
C ASN A 201 0.05 15.71 -10.90
N TYR A 202 -0.54 14.58 -11.27
CA TYR A 202 -1.99 14.48 -11.49
C TYR A 202 -2.76 13.98 -10.28
N LEU A 203 -2.06 13.55 -9.23
CA LEU A 203 -2.71 13.04 -8.02
C LEU A 203 -3.18 14.18 -7.13
N PHE A 204 -4.05 13.88 -6.16
CA PHE A 204 -4.59 14.93 -5.29
C PHE A 204 -3.53 15.61 -4.44
N THR A 205 -2.41 14.92 -4.21
CA THR A 205 -1.30 15.49 -3.46
C THR A 205 -0.35 16.34 -4.32
N GLN A 206 -0.75 16.66 -5.56
CA GLN A 206 0.06 17.50 -6.45
C GLN A 206 0.28 18.90 -5.86
N HIS A 207 -0.72 19.39 -5.14
CA HIS A 207 -0.68 20.73 -4.57
C HIS A 207 0.39 20.90 -3.50
N LEU A 208 0.88 19.78 -2.94
CA LEU A 208 1.99 19.84 -1.99
C LEU A 208 3.31 20.05 -2.72
N PRO A 209 4.32 20.62 -2.05
CA PRO A 209 5.66 20.68 -2.63
C PRO A 209 6.19 19.30 -3.00
N LYS A 210 6.96 19.24 -4.08
CA LYS A 210 7.29 17.97 -4.73
C LYS A 210 8.08 16.97 -3.87
N ASP A 211 8.91 17.49 -2.97
CA ASP A 211 9.74 16.63 -2.13
C ASP A 211 9.02 16.18 -0.85
N LEU A 212 7.75 16.59 -0.68
CA LEU A 212 6.95 16.26 0.50
C LEU A 212 5.66 15.50 0.19
N ARG A 213 5.45 15.14 -1.08
CA ARG A 213 4.18 14.56 -1.50
C ARG A 213 3.91 13.18 -0.89
N ASP A 214 4.98 12.42 -0.65
CA ASP A 214 4.87 11.05 -0.19
C ASP A 214 5.12 10.94 1.31
N PRO A 215 4.18 10.35 2.06
CA PRO A 215 4.42 10.16 3.48
C PRO A 215 5.66 9.30 3.74
N ASP A 216 6.47 9.71 4.70
CA ASP A 216 7.62 8.92 5.13
C ASP A 216 7.16 7.85 6.10
N LEU A 217 6.13 8.18 6.87
CA LEU A 217 5.51 7.25 7.82
C LEU A 217 4.00 7.28 7.64
N ILE A 218 3.36 6.13 7.84
CA ILE A 218 1.90 6.05 7.90
C ILE A 218 1.50 5.38 9.21
N ILE A 219 0.69 6.08 9.99
CA ILE A 219 0.24 5.60 11.29
C ILE A 219 -1.19 5.14 11.20
N ARG A 220 -1.49 3.95 11.72
CA ARG A 220 -2.87 3.52 11.89
C ARG A 220 -3.14 3.11 13.33
N THR A 221 -4.29 3.54 13.84
CA THR A 221 -4.71 3.29 15.21
C THR A 221 -5.82 2.25 15.23
N SER A 222 -6.21 1.84 16.43
CA SER A 222 -7.33 0.92 16.67
C SER A 222 -7.01 -0.55 16.39
N GLY A 223 -5.72 -0.88 16.26
CA GLY A 223 -5.28 -2.27 16.16
C GLY A 223 -5.47 -2.93 14.80
N GLU A 224 -5.96 -2.18 13.81
CA GLU A 224 -6.21 -2.75 12.49
C GLU A 224 -4.95 -2.70 11.64
N LEU A 225 -4.51 -3.86 11.16
CA LEU A 225 -3.30 -3.96 10.36
C LEU A 225 -3.67 -3.99 8.87
N ARG A 226 -4.12 -2.84 8.36
CA ARG A 226 -4.38 -2.66 6.93
C ARG A 226 -4.44 -1.19 6.52
N LEU A 227 -4.37 -0.92 5.22
CA LEU A 227 -4.25 0.46 4.72
C LEU A 227 -5.57 1.09 4.28
N SER A 228 -6.57 0.27 3.97
CA SER A 228 -7.90 0.77 3.63
C SER A 228 -7.86 1.87 2.56
N ASN A 229 -7.09 1.62 1.50
CA ASN A 229 -7.11 2.46 0.31
C ASN A 229 -6.54 3.87 0.56
N PHE A 230 -5.68 4.00 1.57
CA PHE A 230 -5.06 5.27 1.91
C PHE A 230 -3.71 5.45 1.20
N LEU A 231 -3.66 6.38 0.25
CA LEU A 231 -2.42 6.76 -0.43
C LEU A 231 -1.63 5.55 -0.96
N PRO A 232 -2.30 4.66 -1.72
CA PRO A 232 -1.59 3.50 -2.25
C PRO A 232 -0.34 3.88 -3.05
N TRP A 233 -0.47 4.86 -3.93
CA TRP A 233 0.63 5.35 -4.74
C TRP A 233 1.69 6.04 -3.90
N GLN A 234 1.28 7.09 -3.18
CA GLN A 234 2.21 7.94 -2.45
C GLN A 234 2.87 7.20 -1.31
N GLY A 235 2.16 6.25 -0.70
CA GLY A 235 2.68 5.50 0.44
C GLY A 235 3.36 4.18 0.10
N ALA A 236 3.66 3.96 -1.19
CA ALA A 236 4.27 2.71 -1.65
C ALA A 236 5.57 2.31 -0.94
N TYR A 237 6.37 3.31 -0.55
CA TYR A 237 7.65 3.07 0.12
C TYR A 237 7.65 3.53 1.58
N SER A 238 6.49 3.82 2.13
CA SER A 238 6.39 4.37 3.48
C SER A 238 6.67 3.34 4.56
N GLU A 239 7.26 3.78 5.66
CA GLU A 239 7.30 2.99 6.88
C GLU A 239 5.89 2.99 7.48
N LEU A 240 5.55 1.88 8.14
CA LEU A 240 4.22 1.70 8.74
C LEU A 240 4.32 1.53 10.24
N TYR A 241 3.43 2.20 10.97
CA TYR A 241 3.33 2.05 12.41
C TYR A 241 1.89 1.73 12.80
N PHE A 242 1.70 0.55 13.41
CA PHE A 242 0.38 0.12 13.89
C PHE A 242 0.36 0.11 15.41
N THR A 243 -0.70 0.66 15.99
CA THR A 243 -0.89 0.68 17.44
C THR A 243 -2.32 0.29 17.78
N ASP A 244 -2.50 -0.33 18.94
CA ASP A 244 -3.83 -0.68 19.43
C ASP A 244 -4.58 0.51 20.04
N THR A 245 -3.86 1.59 20.34
CA THR A 245 -4.45 2.80 20.90
C THR A 245 -5.55 3.35 19.99
N LEU A 246 -6.69 3.71 20.57
CA LEU A 246 -7.79 4.30 19.80
C LEU A 246 -7.46 5.77 19.51
N TRP A 247 -7.99 6.28 18.40
CA TRP A 247 -7.58 7.61 17.91
C TRP A 247 -7.71 8.74 18.94
N PRO A 248 -8.85 8.81 19.66
CA PRO A 248 -9.02 9.90 20.63
C PRO A 248 -8.05 9.85 21.82
N ASP A 249 -7.40 8.71 22.04
CA ASP A 249 -6.35 8.59 23.06
C ASP A 249 -4.95 8.82 22.48
N PHE A 250 -4.87 9.05 21.17
CA PHE A 250 -3.60 9.30 20.50
C PHE A 250 -3.22 10.76 20.69
N ASP A 251 -2.12 11.00 21.39
CA ASP A 251 -1.72 12.34 21.79
C ASP A 251 -0.27 12.63 21.36
N GLU A 252 0.28 13.75 21.84
CA GLU A 252 1.67 14.12 21.55
C GLU A 252 2.66 13.03 21.95
N ALA A 253 2.42 12.41 23.11
CA ALA A 253 3.27 11.32 23.60
C ALA A 253 3.22 10.12 22.66
N ALA A 254 2.03 9.82 22.15
CA ALA A 254 1.85 8.73 21.19
C ALA A 254 2.56 9.05 19.87
N LEU A 255 2.48 10.30 19.43
CA LEU A 255 3.15 10.73 18.20
C LEU A 255 4.65 10.50 18.30
N GLN A 256 5.25 10.99 19.39
CA GLN A 256 6.69 10.85 19.60
C GLN A 256 7.11 9.38 19.62
N GLU A 257 6.31 8.54 20.27
CA GLU A 257 6.58 7.10 20.31
C GLU A 257 6.57 6.50 18.89
N ALA A 258 5.68 7.00 18.04
CA ALA A 258 5.66 6.61 16.63
C ALA A 258 6.89 7.15 15.89
N ILE A 259 7.30 8.38 16.21
CA ILE A 259 8.50 8.98 15.61
C ILE A 259 9.77 8.27 16.07
N LEU A 260 9.78 7.80 17.32
CA LEU A 260 10.91 7.03 17.85
C LEU A 260 11.05 5.70 17.12
N ALA A 261 9.92 5.02 16.91
CA ALA A 261 9.90 3.78 16.14
C ALA A 261 10.47 4.00 14.74
N TYR A 262 10.02 5.07 14.08
CA TYR A 262 10.51 5.44 12.75
C TYR A 262 12.04 5.60 12.72
N ASN A 263 12.58 6.39 13.64
CA ASN A 263 14.02 6.61 13.72
C ASN A 263 14.79 5.31 13.99
N ARG A 264 14.16 4.37 14.69
CA ARG A 264 14.75 3.06 14.96
C ARG A 264 14.83 2.19 13.70
N ARG A 265 13.91 2.39 12.77
CA ARG A 265 13.89 1.61 11.51
C ARG A 265 15.13 1.93 10.68
N HIS A 266 15.49 3.21 10.65
CA HIS A 266 16.68 3.67 9.93
C HIS A 266 17.95 2.98 10.41
N ARG A 267 18.03 2.69 11.71
CA ARG A 267 19.13 1.92 12.28
C ARG A 267 19.19 0.48 11.74
N ARG A 268 18.02 -0.09 11.48
CA ARG A 268 17.92 -1.42 10.86
C ARG A 268 17.64 -1.29 9.35
N THR B 37 -12.50 -21.59 10.96
CA THR B 37 -11.89 -20.60 10.02
C THR B 37 -11.45 -21.27 8.72
N GLN B 38 -11.19 -20.44 7.70
CA GLN B 38 -10.85 -20.93 6.36
C GLN B 38 -9.78 -20.06 5.68
N VAL B 39 -9.22 -20.60 4.60
CA VAL B 39 -8.00 -20.08 4.00
C VAL B 39 -8.22 -18.84 3.12
N PRO B 40 -7.28 -17.88 3.18
CA PRO B 40 -7.30 -16.76 2.23
C PRO B 40 -6.95 -17.24 0.84
N ALA B 41 -7.69 -16.76 -0.17
CA ALA B 41 -7.55 -17.27 -1.53
C ALA B 41 -6.23 -16.85 -2.17
N HIS B 42 -5.86 -15.58 -1.99
CA HIS B 42 -4.67 -15.00 -2.61
C HIS B 42 -3.79 -14.40 -1.51
N ILE B 43 -2.60 -14.99 -1.30
CA ILE B 43 -1.63 -14.49 -0.33
C ILE B 43 -0.44 -13.85 -1.05
N GLY B 44 -0.14 -12.60 -0.72
CA GLY B 44 1.07 -11.95 -1.19
C GLY B 44 2.20 -12.17 -0.19
N ILE B 45 3.41 -12.41 -0.69
CA ILE B 45 4.55 -12.66 0.19
C ILE B 45 5.80 -11.91 -0.27
N ILE B 46 6.34 -11.06 0.61
CA ILE B 46 7.60 -10.38 0.36
C ILE B 46 8.73 -11.16 1.05
N MET B 47 9.56 -11.79 0.23
CA MET B 47 10.60 -12.68 0.70
C MET B 47 11.83 -11.85 1.04
N ASP B 48 12.19 -11.82 2.31
CA ASP B 48 13.30 -11.01 2.77
C ASP B 48 14.06 -11.72 3.89
N GLY B 49 15.34 -11.42 4.01
CA GLY B 49 16.18 -11.93 5.10
C GLY B 49 17.13 -13.05 4.71
N ASN B 50 17.26 -13.32 3.41
CA ASN B 50 18.19 -14.36 2.93
C ASN B 50 19.62 -14.07 3.35
N GLY B 51 20.06 -12.83 3.16
CA GLY B 51 21.41 -12.42 3.50
C GLY B 51 21.72 -12.58 4.98
N ARG B 52 20.88 -11.99 5.83
CA ARG B 52 21.06 -12.03 7.28
C ARG B 52 21.04 -13.46 7.81
N TRP B 53 20.15 -14.28 7.26
CA TRP B 53 20.05 -15.69 7.62
C TRP B 53 21.36 -16.43 7.40
N ALA B 54 22.03 -16.15 6.28
CA ALA B 54 23.34 -16.70 5.98
C ALA B 54 24.42 -16.12 6.90
N LYS B 55 24.32 -14.83 7.22
CA LYS B 55 25.30 -14.16 8.08
C LYS B 55 25.37 -14.76 9.49
N LYS B 56 24.20 -15.06 10.07
CA LYS B 56 24.13 -15.73 11.37
C LYS B 56 24.79 -17.10 11.35
N ARG B 57 24.74 -17.76 10.18
CA ARG B 57 25.34 -19.08 10.00
C ARG B 57 26.65 -19.04 9.20
N MET B 58 27.31 -17.87 9.20
CA MET B 58 28.66 -17.71 8.64
C MET B 58 28.84 -18.35 7.25
N GLN B 59 27.90 -18.09 6.36
CA GLN B 59 27.98 -18.57 4.97
C GLN B 59 27.90 -17.40 3.99
N PRO B 60 28.25 -17.63 2.71
CA PRO B 60 28.11 -16.59 1.69
C PRO B 60 26.63 -16.24 1.42
N ARG B 61 26.39 -15.11 0.77
CA ARG B 61 25.03 -14.68 0.47
C ARG B 61 24.33 -15.64 -0.50
N VAL B 62 25.10 -16.25 -1.40
CA VAL B 62 24.57 -17.14 -2.43
C VAL B 62 23.82 -18.35 -1.84
N PHE B 63 24.29 -18.85 -0.70
CA PHE B 63 23.61 -19.96 -0.02
C PHE B 63 22.29 -19.52 0.64
N GLY B 64 22.26 -18.29 1.13
CA GLY B 64 21.03 -17.72 1.71
C GLY B 64 19.89 -17.68 0.71
N HIS B 65 20.21 -17.38 -0.54
CA HIS B 65 19.23 -17.36 -1.62
C HIS B 65 18.81 -18.78 -2.01
N LYS B 66 19.73 -19.73 -1.83
CA LYS B 66 19.48 -21.15 -2.09
C LYS B 66 18.46 -21.68 -1.09
N ALA B 67 18.72 -21.45 0.20
CA ALA B 67 17.80 -21.85 1.27
C ALA B 67 16.44 -21.17 1.13
N GLY B 68 16.42 -19.97 0.55
CA GLY B 68 15.19 -19.26 0.26
C GLY B 68 14.31 -19.95 -0.76
N MET B 69 14.92 -20.64 -1.73
CA MET B 69 14.17 -21.43 -2.72
C MET B 69 13.57 -22.68 -2.06
N GLU B 70 14.33 -23.32 -1.18
CA GLU B 70 13.80 -24.43 -0.39
C GLU B 70 12.59 -23.95 0.41
N ALA B 71 12.74 -22.77 1.04
CA ALA B 71 11.63 -22.15 1.77
C ALA B 71 10.42 -21.98 0.86
N LEU B 72 10.65 -21.47 -0.34
CA LEU B 72 9.58 -21.25 -1.32
C LEU B 72 8.93 -22.56 -1.75
N GLN B 73 9.75 -23.59 -1.96
CA GLN B 73 9.25 -24.92 -2.31
C GLN B 73 8.32 -25.43 -1.22
N THR B 74 8.77 -25.37 0.03
CA THR B 74 7.97 -25.78 1.17
C THR B 74 6.65 -25.02 1.24
N VAL B 75 6.71 -23.69 1.09
CA VAL B 75 5.54 -22.83 1.23
C VAL B 75 4.53 -23.06 0.10
N THR B 76 5.01 -23.18 -1.12
CA THR B 76 4.13 -23.36 -2.28
C THR B 76 3.35 -24.67 -2.18
N LYS B 77 4.04 -25.76 -1.87
CA LYS B 77 3.40 -27.06 -1.65
C LYS B 77 2.42 -27.01 -0.48
N ALA B 78 2.86 -26.37 0.61
CA ALA B 78 2.03 -26.24 1.81
C ALA B 78 0.78 -25.43 1.52
N ALA B 79 0.95 -24.30 0.84
CA ALA B 79 -0.16 -23.43 0.46
C ALA B 79 -1.15 -24.16 -0.45
N ASN B 80 -0.63 -24.96 -1.37
CA ASN B 80 -1.46 -25.75 -2.26
C ASN B 80 -2.30 -26.77 -1.50
N LYS B 81 -1.69 -27.43 -0.50
CA LYS B 81 -2.39 -28.42 0.32
C LYS B 81 -3.49 -27.81 1.19
N LEU B 82 -3.24 -26.62 1.74
CA LEU B 82 -4.21 -25.93 2.59
C LEU B 82 -5.39 -25.34 1.81
N GLY B 83 -5.24 -25.23 0.49
CA GLY B 83 -6.32 -24.73 -0.36
C GLY B 83 -6.20 -23.25 -0.74
N VAL B 84 -4.98 -22.71 -0.73
CA VAL B 84 -4.77 -21.35 -1.23
C VAL B 84 -4.82 -21.39 -2.75
N LYS B 85 -5.49 -20.41 -3.34
CA LYS B 85 -5.66 -20.36 -4.80
C LYS B 85 -4.51 -19.65 -5.50
N VAL B 86 -3.93 -18.63 -4.86
CA VAL B 86 -2.86 -17.84 -5.48
C VAL B 86 -1.85 -17.41 -4.43
N ILE B 87 -0.56 -17.51 -4.75
CA ILE B 87 0.48 -16.84 -3.98
C ILE B 87 1.28 -15.95 -4.91
N THR B 88 1.42 -14.67 -4.55
CA THR B 88 2.27 -13.75 -5.29
C THR B 88 3.53 -13.48 -4.47
N VAL B 89 4.66 -13.96 -4.98
CA VAL B 89 5.93 -13.89 -4.25
C VAL B 89 6.81 -12.78 -4.81
N TYR B 90 7.37 -11.96 -3.91
CA TYR B 90 8.21 -10.84 -4.28
C TYR B 90 9.61 -11.02 -3.75
N ALA B 91 10.57 -11.16 -4.66
CA ALA B 91 11.98 -11.23 -4.29
C ALA B 91 12.55 -9.82 -4.24
N PHE B 92 12.76 -9.30 -3.04
CA PHE B 92 13.28 -7.95 -2.86
C PHE B 92 13.54 -7.60 -1.39
N THR B 98 22.21 -2.94 -3.26
CA THR B 98 23.46 -2.89 -4.02
C THR B 98 24.41 -3.99 -3.56
N ARG B 99 24.37 -5.12 -4.26
CA ARG B 99 25.19 -6.29 -3.91
C ARG B 99 26.52 -6.27 -4.66
N PRO B 100 27.32 -7.33 -4.48
CA PRO B 100 28.60 -7.48 -5.17
C PRO B 100 28.37 -7.85 -6.64
N ASP B 101 29.39 -7.60 -7.47
CA ASP B 101 29.30 -7.89 -8.90
C ASP B 101 29.25 -9.40 -9.21
N GLN B 102 29.91 -10.20 -8.37
CA GLN B 102 29.86 -11.66 -8.48
C GLN B 102 28.47 -12.20 -8.12
N GLU B 103 27.86 -11.61 -7.09
CA GLU B 103 26.57 -12.08 -6.57
C GLU B 103 25.50 -12.17 -7.65
N VAL B 104 25.42 -11.16 -8.51
CA VAL B 104 24.43 -11.14 -9.60
C VAL B 104 24.61 -12.32 -10.56
N LYS B 105 25.86 -12.75 -10.76
CA LYS B 105 26.15 -13.94 -11.56
C LYS B 105 25.62 -15.20 -10.88
N PHE B 106 25.76 -15.25 -9.56
CA PHE B 106 25.25 -16.38 -8.77
C PHE B 106 23.72 -16.38 -8.68
N ILE B 107 23.14 -15.19 -8.52
CA ILE B 107 21.68 -15.03 -8.49
C ILE B 107 21.07 -15.30 -9.87
N MET B 108 21.85 -15.07 -10.93
CA MET B 108 21.40 -15.33 -12.30
C MET B 108 21.29 -16.82 -12.63
N ASN B 109 22.00 -17.65 -11.86
CA ASN B 109 21.99 -19.11 -12.07
C ASN B 109 20.84 -19.83 -11.36
N LEU B 110 20.20 -19.18 -10.40
CA LEU B 110 19.16 -19.81 -9.57
C LEU B 110 17.84 -20.12 -10.31
N PRO B 111 17.42 -19.24 -11.25
CA PRO B 111 16.23 -19.50 -12.05
C PRO B 111 16.32 -20.77 -12.89
N VAL B 112 17.49 -21.02 -13.47
CA VAL B 112 17.75 -22.25 -14.21
C VAL B 112 17.74 -23.44 -13.26
N GLU B 113 18.40 -23.30 -12.12
CA GLU B 113 18.47 -24.34 -11.10
C GLU B 113 17.07 -24.67 -10.59
N PHE B 114 16.29 -23.61 -10.34
CA PHE B 114 14.90 -23.74 -9.89
C PHE B 114 14.05 -24.52 -10.90
N TYR B 115 14.25 -24.26 -12.19
CA TYR B 115 13.55 -25.01 -13.23
C TYR B 115 13.98 -26.48 -13.27
N ASP B 116 15.25 -26.74 -13.01
CA ASP B 116 15.78 -28.11 -13.08
C ASP B 116 15.43 -28.95 -11.85
N ASN B 117 15.60 -28.38 -10.66
CA ASN B 117 15.51 -29.15 -9.41
C ASN B 117 14.32 -28.83 -8.50
N TYR B 118 13.43 -27.93 -8.94
CA TYR B 118 12.27 -27.53 -8.13
C TYR B 118 10.94 -27.55 -8.89
N VAL B 119 10.94 -27.05 -10.13
CA VAL B 119 9.72 -26.93 -10.93
C VAL B 119 9.03 -28.26 -11.22
N PRO B 120 9.79 -29.29 -11.60
CA PRO B 120 9.17 -30.58 -11.84
C PRO B 120 8.26 -31.01 -10.69
N GLU B 121 8.78 -30.95 -9.47
CA GLU B 121 7.99 -31.30 -8.29
C GLU B 121 6.72 -30.46 -8.20
N LEU B 122 6.84 -29.15 -8.47
CA LEU B 122 5.68 -28.27 -8.45
C LEU B 122 4.67 -28.68 -9.51
N HIS B 123 5.15 -28.96 -10.72
CA HIS B 123 4.30 -29.46 -11.80
C HIS B 123 3.58 -30.75 -11.40
N ALA B 124 4.27 -31.62 -10.66
CA ALA B 124 3.67 -32.86 -10.16
C ALA B 124 2.54 -32.60 -9.16
N ASN B 125 2.64 -31.49 -8.44
CA ASN B 125 1.63 -31.08 -7.46
C ASN B 125 0.56 -30.14 -8.04
N ASN B 126 0.41 -30.14 -9.36
CA ASN B 126 -0.64 -29.39 -10.06
C ASN B 126 -0.58 -27.87 -9.84
N VAL B 127 0.64 -27.34 -9.67
CA VAL B 127 0.85 -25.91 -9.48
C VAL B 127 1.12 -25.24 -10.81
N LYS B 128 0.54 -24.06 -11.00
CA LYS B 128 0.66 -23.29 -12.23
C LYS B 128 1.57 -22.10 -11.97
N ILE B 129 2.62 -21.97 -12.77
CA ILE B 129 3.60 -20.90 -12.60
C ILE B 129 3.35 -19.76 -13.58
N GLN B 130 3.25 -18.56 -13.05
CA GLN B 130 3.07 -17.35 -13.87
C GLN B 130 3.94 -16.20 -13.33
N MET B 131 4.18 -15.20 -14.17
CA MET B 131 4.99 -14.04 -13.77
C MET B 131 4.21 -12.73 -13.86
N ILE B 132 4.57 -11.78 -13.00
CA ILE B 132 4.16 -10.39 -13.18
C ILE B 132 5.40 -9.50 -13.07
N GLY B 133 5.43 -8.43 -13.86
CA GLY B 133 6.57 -7.52 -13.91
C GLY B 133 7.10 -7.33 -15.32
N GLU B 134 8.26 -6.71 -15.43
CA GLU B 134 8.84 -6.42 -16.75
C GLU B 134 9.84 -7.50 -17.13
N THR B 135 9.35 -8.49 -17.88
CA THR B 135 10.16 -9.63 -18.30
C THR B 135 11.11 -9.32 -19.44
N ASP B 136 10.80 -8.28 -20.22
CA ASP B 136 11.62 -7.91 -21.39
C ASP B 136 12.99 -7.34 -21.01
N ARG B 137 13.17 -6.97 -19.74
CA ARG B 137 14.46 -6.50 -19.25
C ARG B 137 15.37 -7.65 -18.80
N LEU B 138 14.77 -8.79 -18.45
CA LEU B 138 15.53 -9.94 -17.93
C LEU B 138 16.46 -10.56 -18.97
N PRO B 139 17.57 -11.19 -18.52
CA PRO B 139 18.48 -11.91 -19.43
C PRO B 139 17.81 -13.02 -20.23
N LYS B 140 18.48 -13.51 -21.27
CA LYS B 140 17.92 -14.57 -22.13
C LYS B 140 17.75 -15.88 -21.35
N GLN B 141 18.85 -16.38 -20.81
CA GLN B 141 18.87 -17.64 -20.05
C GLN B 141 17.88 -17.67 -18.88
N THR B 142 17.52 -16.48 -18.38
CA THR B 142 16.53 -16.36 -17.29
C THR B 142 15.09 -16.29 -17.82
N PHE B 143 14.89 -15.50 -18.88
CA PHE B 143 13.58 -15.38 -19.53
C PHE B 143 13.13 -16.71 -20.15
N GLU B 144 14.09 -17.45 -20.71
CA GLU B 144 13.80 -18.74 -21.32
C GLU B 144 13.48 -19.81 -20.27
N ALA B 145 14.10 -19.71 -19.09
CA ALA B 145 13.75 -20.57 -17.96
C ALA B 145 12.39 -20.18 -17.38
N LEU B 146 12.09 -18.89 -17.37
CA LEU B 146 10.78 -18.41 -16.93
C LEU B 146 9.70 -18.99 -17.84
N THR B 147 9.87 -18.80 -19.14
CA THR B 147 8.89 -19.25 -20.13
C THR B 147 8.67 -20.76 -20.06
N LYS B 148 9.74 -21.52 -19.90
CA LYS B 148 9.64 -22.98 -19.80
C LYS B 148 8.80 -23.41 -18.60
N ALA B 149 8.95 -22.72 -17.47
CA ALA B 149 8.14 -22.98 -16.29
C ALA B 149 6.67 -22.67 -16.56
N GLU B 150 6.42 -21.58 -17.27
CA GLU B 150 5.07 -21.19 -17.65
C GLU B 150 4.43 -22.19 -18.64
N GLU B 151 5.17 -22.51 -19.70
CA GLU B 151 4.66 -23.42 -20.75
C GLU B 151 4.47 -24.85 -20.24
N LEU B 152 5.33 -25.26 -19.32
CA LEU B 152 5.24 -26.58 -18.69
C LEU B 152 3.97 -26.74 -17.87
N THR B 153 3.54 -25.65 -17.21
CA THR B 153 2.47 -25.69 -16.22
C THR B 153 1.19 -24.94 -16.62
N LYS B 154 1.10 -24.49 -17.88
CA LYS B 154 0.00 -23.61 -18.29
C LYS B 154 -1.39 -24.24 -18.20
N ASN B 155 -1.46 -25.57 -18.32
CA ASN B 155 -2.74 -26.27 -18.29
C ASN B 155 -3.18 -26.66 -16.88
N ASN B 156 -2.33 -26.40 -15.89
CA ASN B 156 -2.57 -26.87 -14.53
C ASN B 156 -3.71 -26.09 -13.82
N THR B 157 -4.37 -26.78 -12.87
CA THR B 157 -5.62 -26.31 -12.27
C THR B 157 -5.55 -26.03 -10.76
N GLY B 158 -4.42 -26.34 -10.13
CA GLY B 158 -4.24 -26.04 -8.70
C GLY B 158 -3.71 -24.63 -8.45
N LEU B 159 -3.03 -24.46 -7.32
CA LEU B 159 -2.48 -23.17 -6.90
C LEU B 159 -1.63 -22.51 -7.99
N ILE B 160 -1.77 -21.18 -8.10
CA ILE B 160 -1.01 -20.39 -9.05
C ILE B 160 0.17 -19.74 -8.33
N LEU B 161 1.39 -20.25 -8.56
CA LEU B 161 2.59 -19.60 -8.02
C LEU B 161 2.93 -18.40 -8.90
N ASN B 162 2.67 -17.20 -8.37
CA ASN B 162 2.82 -15.97 -9.15
C ASN B 162 4.07 -15.19 -8.76
N PHE B 163 5.12 -15.31 -9.57
CA PHE B 163 6.40 -14.64 -9.31
C PHE B 163 6.35 -13.16 -9.69
N ALA B 164 6.67 -12.30 -8.72
CA ALA B 164 6.85 -10.88 -8.96
C ALA B 164 8.33 -10.63 -9.21
N LEU B 165 8.73 -10.51 -10.48
CA LEU B 165 10.13 -10.32 -10.87
C LEU B 165 10.30 -9.05 -11.70
N ASN B 166 11.36 -8.28 -11.46
CA ASN B 166 11.54 -6.96 -12.06
C ASN B 166 10.22 -6.17 -12.00
N TYR B 167 9.66 -6.12 -10.80
CA TYR B 167 8.33 -5.58 -10.59
C TYR B 167 8.42 -4.37 -9.68
N GLY B 168 7.62 -3.35 -10.01
CA GLY B 168 7.41 -2.20 -9.16
C GLY B 168 5.96 -1.76 -9.29
N GLY B 169 5.28 -1.65 -8.16
CA GLY B 169 3.88 -1.22 -8.11
C GLY B 169 3.60 0.00 -8.95
N ARG B 170 4.35 1.07 -8.69
CA ARG B 170 4.15 2.31 -9.44
C ARG B 170 4.40 2.12 -10.92
N ALA B 171 5.45 1.38 -11.27
CA ALA B 171 5.76 1.09 -12.67
C ALA B 171 4.62 0.29 -13.32
N GLU B 172 4.05 -0.67 -12.59
CA GLU B 172 2.90 -1.43 -13.08
C GLU B 172 1.73 -0.51 -13.43
N ILE B 173 1.40 0.39 -12.51
CA ILE B 173 0.27 1.29 -12.67
C ILE B 173 0.54 2.25 -13.83
N THR B 174 1.77 2.74 -13.90
CA THR B 174 2.21 3.62 -14.98
C THR B 174 2.03 2.91 -16.33
N GLN B 175 2.42 1.64 -16.38
CA GLN B 175 2.24 0.81 -17.58
C GLN B 175 0.75 0.69 -17.94
N ALA B 176 -0.09 0.49 -16.93
CA ALA B 176 -1.53 0.38 -17.12
C ALA B 176 -2.13 1.67 -17.68
N LEU B 177 -1.77 2.81 -17.09
CA LEU B 177 -2.27 4.10 -17.58
C LEU B 177 -1.68 4.45 -18.94
N LYS B 178 -0.53 3.84 -19.27
CA LYS B 178 0.11 4.01 -20.57
C LYS B 178 -0.68 3.28 -21.67
N LEU B 179 -0.87 1.97 -21.49
CA LEU B 179 -1.55 1.15 -22.50
C LEU B 179 -3.00 1.58 -22.70
N ILE B 180 -3.64 2.05 -21.64
CA ILE B 180 -5.01 2.56 -21.70
C ILE B 180 -5.07 3.84 -22.52
N SER B 181 -4.15 4.77 -22.27
CA SER B 181 -4.07 6.02 -23.02
C SER B 181 -3.79 5.76 -24.50
N GLN B 182 -2.95 4.75 -24.80
CA GLN B 182 -2.71 4.31 -26.18
C GLN B 182 -3.98 3.77 -26.83
N ASP B 183 -4.79 3.05 -26.05
CA ASP B 183 -6.08 2.53 -26.53
C ASP B 183 -7.11 3.65 -26.70
N VAL B 184 -6.98 4.72 -25.92
CA VAL B 184 -7.85 5.90 -26.06
C VAL B 184 -7.51 6.65 -27.34
N LEU B 185 -6.22 6.83 -27.62
CA LEU B 185 -5.76 7.40 -28.89
C LEU B 185 -6.39 6.69 -30.08
N ASP B 186 -6.28 5.36 -30.10
CA ASP B 186 -6.79 4.56 -31.21
C ASP B 186 -8.32 4.46 -31.27
N ALA B 187 -9.00 5.14 -30.34
CA ALA B 187 -10.47 5.18 -30.29
C ALA B 187 -11.09 3.85 -29.87
N LYS B 188 -10.28 2.97 -29.27
CA LYS B 188 -10.74 1.68 -28.79
C LYS B 188 -11.44 1.81 -27.45
N ILE B 189 -11.21 2.92 -26.75
CA ILE B 189 -11.81 3.18 -25.44
C ILE B 189 -12.28 4.64 -25.36
N ASN B 190 -13.47 4.86 -24.82
CA ASN B 190 -13.93 6.23 -24.53
C ASN B 190 -13.28 6.69 -23.22
N PRO B 191 -13.10 8.02 -23.06
CA PRO B 191 -12.54 8.52 -21.80
C PRO B 191 -13.49 8.34 -20.61
N GLY B 192 -14.80 8.27 -20.87
CA GLY B 192 -15.80 8.02 -19.83
C GLY B 192 -15.85 6.58 -19.37
N ASP B 193 -15.25 5.68 -20.14
CA ASP B 193 -15.17 4.26 -19.77
C ASP B 193 -14.01 3.98 -18.80
N ILE B 194 -13.28 5.04 -18.41
CA ILE B 194 -12.16 4.91 -17.45
C ILE B 194 -12.68 4.71 -16.03
N THR B 195 -12.40 3.54 -15.46
CA THR B 195 -12.90 3.17 -14.14
C THR B 195 -11.84 2.37 -13.37
N GLU B 196 -12.11 2.11 -12.10
CA GLU B 196 -11.23 1.28 -11.29
C GLU B 196 -11.09 -0.10 -11.90
N GLU B 197 -12.19 -0.65 -12.40
CA GLU B 197 -12.19 -1.99 -13.01
C GLU B 197 -11.34 -2.01 -14.28
N LEU B 198 -11.47 -0.98 -15.10
CA LEU B 198 -10.69 -0.88 -16.34
C LEU B 198 -9.22 -0.98 -16.00
N ILE B 199 -8.76 -0.09 -15.11
CA ILE B 199 -7.36 -0.07 -14.69
C ILE B 199 -6.90 -1.44 -14.20
N GLY B 200 -7.77 -2.10 -13.43
CA GLY B 200 -7.51 -3.46 -12.94
C GLY B 200 -7.25 -4.45 -14.07
N ASN B 201 -7.99 -4.30 -15.17
CA ASN B 201 -7.81 -5.14 -16.36
C ASN B 201 -6.49 -4.90 -17.11
N TYR B 202 -5.79 -3.80 -16.81
CA TYR B 202 -4.52 -3.48 -17.46
C TYR B 202 -3.29 -3.64 -16.55
N LEU B 203 -3.50 -4.02 -15.30
CA LEU B 203 -2.38 -4.32 -14.39
C LEU B 203 -1.77 -5.68 -14.78
N PHE B 204 -0.55 -5.94 -14.33
CA PHE B 204 0.11 -7.22 -14.59
C PHE B 204 -0.67 -8.39 -14.01
N THR B 205 -1.47 -8.11 -12.98
CA THR B 205 -2.30 -9.14 -12.35
C THR B 205 -3.58 -9.47 -13.14
N GLN B 206 -3.75 -8.91 -14.34
CA GLN B 206 -4.91 -9.20 -15.18
C GLN B 206 -5.03 -10.69 -15.56
N HIS B 207 -3.90 -11.36 -15.70
CA HIS B 207 -3.88 -12.75 -16.15
C HIS B 207 -4.39 -13.72 -15.11
N LEU B 208 -4.49 -13.28 -13.85
CA LEU B 208 -5.15 -14.07 -12.82
C LEU B 208 -6.65 -13.99 -12.98
N PRO B 209 -7.38 -15.03 -12.55
CA PRO B 209 -8.84 -14.97 -12.57
C PRO B 209 -9.38 -13.74 -11.86
N LYS B 210 -10.46 -13.17 -12.39
CA LYS B 210 -11.01 -11.89 -11.91
C LYS B 210 -11.19 -11.82 -10.38
N ASP B 211 -11.71 -12.89 -9.79
CA ASP B 211 -12.02 -12.89 -8.35
C ASP B 211 -10.78 -13.07 -7.45
N LEU B 212 -9.62 -13.40 -8.03
CA LEU B 212 -8.40 -13.68 -7.26
C LEU B 212 -7.25 -12.72 -7.55
N ARG B 213 -7.53 -11.57 -8.17
CA ARG B 213 -6.47 -10.61 -8.54
C ARG B 213 -5.89 -9.84 -7.35
N ASP B 214 -6.73 -9.53 -6.37
CA ASP B 214 -6.31 -8.77 -5.20
C ASP B 214 -5.97 -9.68 -4.03
N PRO B 215 -4.74 -9.56 -3.48
CA PRO B 215 -4.37 -10.42 -2.36
C PRO B 215 -5.23 -10.14 -1.14
N ASP B 216 -5.70 -11.20 -0.49
CA ASP B 216 -6.47 -11.08 0.74
C ASP B 216 -5.55 -10.78 1.91
N LEU B 217 -4.32 -11.28 1.81
CA LEU B 217 -3.33 -11.16 2.87
C LEU B 217 -1.95 -10.92 2.27
N ILE B 218 -1.20 -9.98 2.84
CA ILE B 218 0.18 -9.74 2.41
C ILE B 218 1.08 -9.99 3.60
N ILE B 219 2.03 -10.90 3.42
CA ILE B 219 2.96 -11.28 4.47
C ILE B 219 4.29 -10.61 4.19
N ARG B 220 4.87 -10.00 5.22
CA ARG B 220 6.23 -9.50 5.11
C ARG B 220 7.11 -10.15 6.17
N THR B 221 8.25 -10.69 5.72
CA THR B 221 9.16 -11.42 6.59
C THR B 221 10.38 -10.58 6.99
N SER B 222 11.15 -11.12 7.92
CA SER B 222 12.42 -10.52 8.39
C SER B 222 12.31 -9.12 9.01
N GLY B 223 11.19 -8.84 9.67
CA GLY B 223 11.09 -7.71 10.59
C GLY B 223 10.76 -6.33 10.04
N GLU B 224 10.82 -6.14 8.72
CA GLU B 224 10.62 -4.81 8.14
C GLU B 224 9.14 -4.45 8.08
N LEU B 225 8.79 -3.23 8.50
CA LEU B 225 7.41 -2.75 8.48
C LEU B 225 7.20 -1.75 7.36
N ARG B 226 7.14 -2.26 6.13
CA ARG B 226 6.94 -1.43 4.95
C ARG B 226 6.54 -2.34 3.78
N LEU B 227 5.83 -1.79 2.79
CA LEU B 227 5.30 -2.61 1.68
C LEU B 227 6.15 -2.60 0.40
N SER B 228 7.20 -1.78 0.40
CA SER B 228 8.22 -1.82 -0.66
C SER B 228 7.66 -1.89 -2.08
N ASN B 229 6.64 -1.09 -2.35
CA ASN B 229 6.12 -0.92 -3.72
C ASN B 229 5.56 -2.24 -4.28
N PHE B 230 4.97 -3.04 -3.40
CA PHE B 230 4.42 -4.35 -3.76
C PHE B 230 2.89 -4.30 -3.79
N LEU B 231 2.33 -4.44 -4.99
CA LEU B 231 0.89 -4.45 -5.22
C LEU B 231 0.13 -3.30 -4.53
N PRO B 232 0.60 -2.05 -4.70
CA PRO B 232 -0.09 -0.94 -4.05
C PRO B 232 -1.57 -0.87 -4.38
N TRP B 233 -1.91 -1.04 -5.65
CA TRP B 233 -3.29 -0.99 -6.09
C TRP B 233 -4.04 -2.24 -5.61
N GLN B 234 -3.54 -3.41 -5.98
CA GLN B 234 -4.24 -4.66 -5.68
C GLN B 234 -4.34 -4.91 -4.18
N GLY B 235 -3.36 -4.45 -3.41
CA GLY B 235 -3.30 -4.73 -1.98
C GLY B 235 -3.82 -3.61 -1.10
N ALA B 236 -4.58 -2.70 -1.67
CA ALA B 236 -5.09 -1.52 -0.97
C ALA B 236 -5.99 -1.84 0.22
N TYR B 237 -6.66 -3.00 0.18
CA TYR B 237 -7.54 -3.43 1.27
C TYR B 237 -7.06 -4.70 1.96
N SER B 238 -5.86 -5.18 1.61
CA SER B 238 -5.41 -6.47 2.13
C SER B 238 -5.05 -6.38 3.60
N GLU B 239 -5.24 -7.51 4.29
CA GLU B 239 -4.74 -7.66 5.64
C GLU B 239 -3.24 -7.76 5.55
N LEU B 240 -2.54 -7.06 6.43
CA LEU B 240 -1.08 -7.10 6.46
C LEU B 240 -0.61 -7.96 7.62
N TYR B 241 0.42 -8.75 7.38
CA TYR B 241 1.00 -9.58 8.43
C TYR B 241 2.52 -9.41 8.41
N PHE B 242 3.09 -9.07 9.57
CA PHE B 242 4.51 -8.81 9.68
C PHE B 242 5.14 -9.77 10.68
N THR B 243 6.23 -10.41 10.27
CA THR B 243 6.92 -11.36 11.13
C THR B 243 8.42 -11.13 11.06
N ASP B 244 9.08 -11.31 12.20
CA ASP B 244 10.52 -11.17 12.30
C ASP B 244 11.23 -12.35 11.62
N THR B 245 10.52 -13.46 11.43
CA THR B 245 11.11 -14.66 10.85
C THR B 245 11.76 -14.36 9.50
N LEU B 246 12.98 -14.83 9.32
CA LEU B 246 13.71 -14.65 8.06
C LEU B 246 13.16 -15.64 7.04
N TRP B 247 13.16 -15.23 5.77
CA TRP B 247 12.46 -15.99 4.73
C TRP B 247 12.83 -17.48 4.67
N PRO B 248 14.12 -17.82 4.81
CA PRO B 248 14.49 -19.24 4.79
C PRO B 248 13.91 -20.06 5.95
N ASP B 249 13.60 -19.41 7.06
CA ASP B 249 12.97 -20.08 8.21
C ASP B 249 11.46 -20.13 8.07
N PHE B 250 10.90 -19.45 7.07
CA PHE B 250 9.46 -19.41 6.87
C PHE B 250 8.96 -20.73 6.29
N ASP B 251 8.18 -21.44 7.09
CA ASP B 251 7.69 -22.77 6.73
C ASP B 251 6.19 -22.87 7.02
N GLU B 252 5.62 -24.07 6.97
CA GLU B 252 4.18 -24.25 7.15
C GLU B 252 3.70 -23.64 8.47
N ALA B 253 4.44 -23.89 9.54
CA ALA B 253 4.15 -23.29 10.84
C ALA B 253 3.96 -21.79 10.68
N ALA B 254 4.94 -21.15 10.03
CA ALA B 254 4.88 -19.72 9.74
C ALA B 254 3.64 -19.38 8.91
N LEU B 255 3.40 -20.15 7.86
CA LEU B 255 2.23 -19.95 7.01
C LEU B 255 0.93 -20.08 7.80
N GLN B 256 0.79 -21.15 8.56
CA GLN B 256 -0.42 -21.38 9.36
C GLN B 256 -0.60 -20.35 10.47
N GLU B 257 0.50 -19.78 10.97
CA GLU B 257 0.43 -18.71 11.96
C GLU B 257 -0.06 -17.41 11.30
N ALA B 258 0.33 -17.19 10.05
CA ALA B 258 -0.18 -16.06 9.27
C ALA B 258 -1.67 -16.25 8.95
N ILE B 259 -2.02 -17.46 8.49
CA ILE B 259 -3.39 -17.81 8.14
C ILE B 259 -4.31 -17.74 9.35
N LEU B 260 -3.81 -18.18 10.50
CA LEU B 260 -4.56 -18.12 11.74
C LEU B 260 -4.74 -16.68 12.18
N ALA B 261 -3.66 -15.91 12.12
CA ALA B 261 -3.71 -14.47 12.41
C ALA B 261 -4.74 -13.78 11.52
N TYR B 262 -4.79 -14.16 10.25
CA TYR B 262 -5.72 -13.60 9.28
C TYR B 262 -7.18 -13.85 9.65
N ASN B 263 -7.49 -15.04 10.15
CA ASN B 263 -8.85 -15.40 10.56
C ASN B 263 -9.29 -14.72 11.86
N ARG B 264 -8.34 -14.40 12.73
CA ARG B 264 -8.63 -13.64 13.96
C ARG B 264 -9.04 -12.19 13.66
N ARG B 265 -8.74 -11.73 12.44
CA ARG B 265 -9.24 -10.43 11.98
C ARG B 265 -10.73 -10.51 11.62
N HIS B 266 -11.30 -11.72 11.68
CA HIS B 266 -12.69 -12.01 11.28
C HIS B 266 -12.86 -11.85 9.77
C26 6TC C . 13.54 -16.11 -2.41
C25 6TC C . 14.21 -17.02 -3.19
C27 6TC C . 13.94 -14.80 -2.38
C31 6TC C . 13.69 -15.11 -6.67
C24 6TC C . 15.29 -16.61 -3.94
C28 6TC C . 15.02 -14.38 -3.14
C7 6TC C . 12.52 -14.34 -10.06
C39 6TC C . 14.12 -14.82 -11.75
C6 6TC C . 11.93 -15.57 -10.27
C40 6TC C . 13.54 -16.04 -11.97
C32 6TC C . 12.92 -16.19 -6.97
C36 6TC C . 15.20 -18.18 -8.99
C38 6TC C . 15.58 -15.93 -7.89
C19 6TC C . 16.69 -11.83 -6.41
C35 6TC C . 14.20 -19.11 -9.12
C37 6TC C . 14.83 -17.04 -8.22
C30 6TC C . 14.98 -14.97 -7.11
C18 6TC C . 15.79 -12.53 -7.25
C23 6TC C . 15.69 -15.29 -3.92
C8 6TC C . 13.62 -13.97 -10.80
C5 6TC C . 12.45 -16.41 -11.22
C33 6TC C . 13.53 -17.16 -7.75
C29 6TC C . 15.73 -13.80 -6.73
C16 6TC C . 15.10 -12.00 -8.40
C13 6TC C . 17.91 -11.85 -11.89
C1 6TC C . 12.39 -17.52 -13.73
C3 6TC C . 10.45 -18.78 -12.92
C22 6TC C . 16.86 -14.87 -4.74
C9 6TC C . 14.25 -12.64 -10.58
C12 6TC C . 17.30 -11.63 -10.54
C11 6TC C . 16.64 -12.91 -10.09
C2 6TC C . 11.28 -17.55 -12.71
N20 6TC C . 17.16 -12.60 -5.42
N21 6TC C . 16.56 -13.79 -5.64
N14 6TC C . 19.26 -12.10 -11.80
N10 6TC C . 15.30 -12.69 -9.58
O17 6TC C . 14.42 -11.00 -8.30
O15 6TC C . 17.27 -11.80 -12.94
O4 6TC C . 11.86 -17.64 -11.42
S34 6TC C . 12.80 -18.63 -8.27
#